data_7EN5
#
_entry.id   7EN5
#
_cell.length_a   58.257
_cell.length_b   72.751
_cell.length_c   82.069
_cell.angle_alpha   90.000
_cell.angle_beta   90.000
_cell.angle_gamma   90.000
#
_symmetry.space_group_name_H-M   'I 2 2 2'
#
loop_
_entity.id
_entity.type
_entity.pdbx_description
1 polymer 'HTH-type transcriptional regulator MurR'
2 non-polymer 2-acetamido-2-deoxy-6-O-phosphono-beta-D-glucopyranose
3 non-polymer GLYCEROL
4 non-polymer 2-METHOXYETHANOL
5 water water
#
_entity_poly.entity_id   1
_entity_poly.type   'polypeptide(L)'
_entity_poly.pdbx_seq_one_letter_code
;SITSDDSLEVIARKLNREKELALEQTCALLDYARLQKIIEVISKAPFIQITGLGGSALVGRDLSFKLMKIGYRVACEADT
HVQATVSQALKKGDVQIAISYSGSKKEIVLCAEAARKQGATVIAITSLTDSPLRRLAHFTLDTVSGETEWRSSSMSTRTA
QNSVTDLLFVGLVQLNDVESLKMIQRSSELTQRLK
;
_entity_poly.pdbx_strand_id   A
#
# COMPACT_ATOMS: atom_id res chain seq x y z
N ASP A 5 9.16 -20.08 28.94
CA ASP A 5 10.32 -19.27 28.58
C ASP A 5 9.90 -18.16 27.62
N ASP A 6 10.22 -16.93 28.00
CA ASP A 6 9.93 -15.73 27.22
C ASP A 6 11.20 -14.94 26.96
N SER A 7 12.29 -15.65 26.70
CA SER A 7 13.58 -15.01 26.43
C SER A 7 13.54 -14.27 25.10
N LEU A 8 14.44 -13.30 24.95
CA LEU A 8 14.48 -12.53 23.70
C LEU A 8 14.77 -13.41 22.49
N GLU A 9 15.58 -14.47 22.67
CA GLU A 9 15.83 -15.38 21.57
C GLU A 9 14.57 -16.11 21.15
N VAL A 10 13.77 -16.57 22.13
CA VAL A 10 12.50 -17.23 21.82
C VAL A 10 11.55 -16.25 21.13
N ILE A 11 11.49 -15.01 21.64
CA ILE A 11 10.63 -13.99 21.02
C ILE A 11 11.04 -13.75 19.58
N ALA A 12 12.34 -13.62 19.32
CA ALA A 12 12.80 -13.34 17.97
C ALA A 12 12.44 -14.48 17.03
N ARG A 13 12.66 -15.71 17.45
CA ARG A 13 12.33 -16.86 16.61
C ARG A 13 10.84 -16.92 16.30
N LYS A 14 10.00 -16.73 17.33
CA LYS A 14 8.56 -16.79 17.14
C LYS A 14 8.08 -15.66 16.22
N LEU A 15 8.61 -14.46 16.38
CA LEU A 15 8.21 -13.31 15.54
C LEU A 15 8.61 -13.55 14.08
N ASN A 16 9.81 -14.08 13.85
CA ASN A 16 10.21 -14.36 12.46
C ASN A 16 9.29 -15.38 11.82
N ARG A 17 8.90 -16.41 12.56
CA ARG A 17 7.93 -17.38 12.04
C ARG A 17 6.57 -16.72 11.79
N GLU A 18 6.10 -15.88 12.72
CA GLU A 18 4.84 -15.16 12.51
C GLU A 18 4.89 -14.33 11.23
N LYS A 19 6.01 -13.66 10.98
CA LYS A 19 6.15 -12.87 9.76
C LYS A 19 6.20 -13.76 8.52
N GLU A 20 6.94 -14.87 8.57
CA GLU A 20 6.97 -15.79 7.44
C GLU A 20 5.57 -16.27 7.09
N LEU A 21 4.76 -16.57 8.09
CA LEU A 21 3.41 -17.07 7.85
C LEU A 21 2.51 -15.97 7.30
N ALA A 22 2.71 -14.72 7.72
CA ALA A 22 1.94 -13.64 7.16
C ALA A 22 2.28 -13.43 5.69
N LEU A 23 3.56 -13.51 5.34
CA LEU A 23 3.95 -13.42 3.94
C LEU A 23 3.32 -14.55 3.15
N GLU A 24 3.32 -15.75 3.74
CA GLU A 24 2.82 -16.94 3.01
C GLU A 24 1.32 -16.83 2.82
N GLN A 25 0.59 -16.55 3.89
CA GLN A 25 -0.86 -16.54 3.79
C GLN A 25 -1.36 -15.38 2.94
N THR A 26 -0.66 -14.25 2.94
CA THR A 26 -1.04 -13.14 2.08
C THR A 26 -0.81 -13.49 0.62
N CYS A 27 0.35 -14.05 0.32
CA CYS A 27 0.70 -14.42 -1.08
C CYS A 27 -0.26 -15.50 -1.60
N ALA A 28 -0.69 -16.40 -0.74
CA ALA A 28 -1.56 -17.48 -1.18
C ALA A 28 -2.89 -16.99 -1.72
N LEU A 29 -3.34 -15.80 -1.29
CA LEU A 29 -4.63 -15.27 -1.73
C LEU A 29 -4.55 -14.52 -3.04
N LEU A 30 -3.35 -14.19 -3.52
CA LEU A 30 -3.23 -13.32 -4.68
C LEU A 30 -3.82 -13.96 -5.93
N ASP A 31 -4.59 -13.17 -6.66
CA ASP A 31 -4.99 -13.50 -8.02
C ASP A 31 -4.01 -12.75 -8.92
N TYR A 32 -3.05 -13.48 -9.51
CA TYR A 32 -1.94 -12.82 -10.20
C TYR A 32 -2.39 -12.17 -11.49
N ALA A 33 -3.35 -12.76 -12.20
CA ALA A 33 -3.89 -12.11 -13.39
C ALA A 33 -4.52 -10.77 -13.03
N ARG A 34 -5.33 -10.74 -11.98
CA ARG A 34 -5.95 -9.50 -11.54
C ARG A 34 -4.93 -8.52 -10.97
N LEU A 35 -3.87 -9.02 -10.35
CA LEU A 35 -2.83 -8.13 -9.86
C LEU A 35 -2.15 -7.40 -11.00
N GLN A 36 -1.88 -8.10 -12.11
CA GLN A 36 -1.26 -7.46 -13.26
C GLN A 36 -2.13 -6.34 -13.80
N LYS A 37 -3.44 -6.54 -13.78
CA LYS A 37 -4.39 -5.48 -14.27
C LYS A 37 -4.37 -4.29 -13.32
N ILE A 38 -4.30 -4.57 -12.01
CA ILE A 38 -4.22 -3.47 -11.05
C ILE A 38 -2.94 -2.67 -11.27
N ILE A 39 -1.82 -3.35 -11.47
CA ILE A 39 -0.55 -2.67 -11.73
C ILE A 39 -0.66 -1.79 -12.97
N GLU A 40 -1.29 -2.29 -14.03
CA GLU A 40 -1.41 -1.46 -15.23
C GLU A 40 -2.32 -0.26 -14.98
N VAL A 41 -3.38 -0.42 -14.20
CA VAL A 41 -4.23 0.71 -13.84
C VAL A 41 -3.44 1.77 -13.10
N ILE A 42 -2.62 1.35 -12.13
CA ILE A 42 -1.79 2.32 -11.42
C ILE A 42 -0.81 3.00 -12.38
N SER A 43 -0.22 2.23 -13.30
CA SER A 43 0.82 2.79 -14.16
C SER A 43 0.28 3.91 -15.05
N LYS A 44 -1.02 3.92 -15.32
CA LYS A 44 -1.65 4.92 -16.19
C LYS A 44 -2.21 6.10 -15.42
N ALA A 45 -2.09 6.11 -14.10
CA ALA A 45 -2.70 7.16 -13.30
C ALA A 45 -1.94 8.47 -13.44
N PRO A 46 -2.58 9.56 -13.85
CA PRO A 46 -1.88 10.86 -13.83
C PRO A 46 -1.52 11.31 -12.42
N PHE A 47 -2.28 10.86 -11.42
CA PHE A 47 -2.04 11.23 -10.03
C PHE A 47 -2.49 10.08 -9.18
N ILE A 48 -1.71 9.77 -8.14
CA ILE A 48 -2.02 8.69 -7.21
C ILE A 48 -2.07 9.28 -5.81
N GLN A 49 -3.16 9.01 -5.10
CA GLN A 49 -3.25 9.33 -3.69
C GLN A 49 -3.19 8.03 -2.90
N ILE A 50 -2.31 7.97 -1.91
CA ILE A 50 -2.23 6.83 -1.00
C ILE A 50 -2.75 7.28 0.36
N THR A 51 -3.81 6.65 0.84
CA THR A 51 -4.42 7.05 2.11
C THR A 51 -4.12 6.02 3.18
N GLY A 52 -4.23 6.46 4.42
CA GLY A 52 -4.05 5.56 5.55
C GLY A 52 -3.77 6.33 6.82
N LEU A 53 -3.84 5.60 7.94
CA LEU A 53 -3.60 6.11 9.28
C LEU A 53 -2.62 5.19 9.99
N GLY A 54 -1.91 5.74 10.97
CA GLY A 54 -1.10 4.88 11.81
C GLY A 54 -0.09 4.10 11.01
N GLY A 55 0.06 2.82 11.37
CA GLY A 55 1.01 1.96 10.67
C GLY A 55 0.71 1.83 9.20
N SER A 56 -0.58 1.85 8.84
CA SER A 56 -0.96 1.77 7.42
C SER A 56 -0.48 2.99 6.66
N ALA A 57 -0.49 4.16 7.30
CA ALA A 57 0.05 5.34 6.66
C ALA A 57 1.53 5.19 6.39
N LEU A 58 2.28 4.62 7.33
CA LEU A 58 3.74 4.42 7.11
C LEU A 58 3.98 3.44 5.96
N VAL A 59 3.20 2.36 5.89
CA VAL A 59 3.30 1.44 4.76
C VAL A 59 3.07 2.21 3.46
N GLY A 60 2.06 3.07 3.46
CA GLY A 60 1.76 3.85 2.28
C GLY A 60 2.88 4.82 1.92
N ARG A 61 3.50 5.43 2.92
CA ARG A 61 4.59 6.41 2.65
C ARG A 61 5.83 5.67 2.12
N ASP A 62 6.05 4.47 2.64
CA ASP A 62 7.17 3.64 2.17
C ASP A 62 7.01 3.34 0.68
N LEU A 63 5.80 2.99 0.25
CA LEU A 63 5.54 2.80 -1.17
C LEU A 63 5.65 4.12 -1.93
N SER A 64 5.08 5.18 -1.37
CA SER A 64 5.08 6.49 -2.04
C SER A 64 6.48 6.97 -2.35
N PHE A 65 7.42 6.82 -1.44
CA PHE A 65 8.82 7.29 -1.66
C PHE A 65 9.40 6.59 -2.91
N LYS A 66 9.15 5.28 -3.03
CA LYS A 66 9.65 4.56 -4.18
C LYS A 66 8.94 4.98 -5.47
N LEU A 67 7.63 5.16 -5.43
CA LEU A 67 6.90 5.59 -6.62
C LEU A 67 7.35 6.96 -7.08
N MET A 68 7.56 7.88 -6.12
CA MET A 68 8.02 9.23 -6.46
C MET A 68 9.36 9.17 -7.17
N LYS A 69 10.26 8.32 -6.67
CA LYS A 69 11.60 8.22 -7.23
C LYS A 69 11.56 7.77 -8.68
N ILE A 70 10.62 6.89 -9.03
CA ILE A 70 10.52 6.40 -10.40
C ILE A 70 9.49 7.18 -11.22
N GLY A 71 9.11 8.37 -10.77
CA GLY A 71 8.46 9.34 -11.62
C GLY A 71 6.97 9.51 -11.45
N TYR A 72 6.35 8.79 -10.52
CA TYR A 72 4.92 8.96 -10.34
C TYR A 72 4.61 10.23 -9.55
N ARG A 73 3.47 10.82 -9.86
CA ARG A 73 2.96 11.99 -9.14
C ARG A 73 2.08 11.45 -8.01
N VAL A 74 2.54 11.60 -6.77
CA VAL A 74 1.90 10.97 -5.62
C VAL A 74 1.59 12.03 -4.58
N ALA A 75 0.40 11.95 -4.00
CA ALA A 75 0.00 12.97 -3.03
C ALA A 75 0.75 12.77 -1.72
N GLU A 77 -1.07 14.73 3.06
CA GLU A 77 -0.22 13.53 3.29
C GLU A 77 -0.76 12.73 4.45
N ALA A 78 -0.19 12.96 5.61
CA ALA A 78 -0.62 12.25 6.82
C ALA A 78 -1.93 12.87 7.35
N ASP A 79 -2.14 14.18 7.25
CA ASP A 79 -3.33 14.74 7.93
C ASP A 79 -4.62 14.15 7.32
N THR A 80 -5.49 13.56 8.17
CA THR A 80 -6.68 12.93 7.61
C THR A 80 -7.62 13.94 6.98
N HIS A 81 -7.68 15.15 7.52
CA HIS A 81 -8.54 16.16 6.90
C HIS A 81 -7.96 16.68 5.60
N VAL A 82 -6.63 16.80 5.52
CA VAL A 82 -6.01 17.12 4.22
C VAL A 82 -6.25 16.01 3.23
N GLN A 83 -6.12 14.76 3.67
CA GLN A 83 -6.40 13.64 2.78
C GLN A 83 -7.79 13.74 2.17
N ALA A 84 -8.78 14.12 2.98
CA ALA A 84 -10.13 14.29 2.45
C ALA A 84 -10.16 15.35 1.36
N THR A 85 -9.44 16.45 1.53
CA THR A 85 -9.44 17.50 0.50
C THR A 85 -8.80 17.01 -0.79
N VAL A 86 -7.79 16.16 -0.69
CA VAL A 86 -7.19 15.62 -1.91
C VAL A 86 -8.15 14.66 -2.60
N SER A 87 -8.85 13.84 -1.83
CA SER A 87 -9.73 12.83 -2.43
C SER A 87 -10.81 13.49 -3.29
N GLN A 88 -11.35 14.61 -2.81
CA GLN A 88 -12.45 15.31 -3.57
C GLN A 88 -11.93 15.99 -4.83
N ALA A 89 -10.61 16.16 -4.93
CA ALA A 89 -10.02 16.80 -6.09
C ALA A 89 -9.48 15.80 -7.12
N LEU A 90 -9.60 14.50 -6.85
CA LEU A 90 -9.19 13.51 -7.83
C LEU A 90 -10.12 13.54 -9.05
N LYS A 91 -9.59 13.00 -10.13
CA LYS A 91 -10.36 13.02 -11.40
C LYS A 91 -10.34 11.64 -11.99
N LYS A 92 -11.18 11.45 -12.98
CA LYS A 92 -11.22 10.21 -13.74
C LYS A 92 -9.82 9.87 -14.23
N GLY A 93 -9.40 8.62 -14.00
CA GLY A 93 -8.07 8.17 -14.35
C GLY A 93 -7.07 8.20 -13.20
N ASP A 94 -7.28 9.09 -12.23
CA ASP A 94 -6.46 9.06 -11.04
C ASP A 94 -6.77 7.81 -10.23
N VAL A 95 -5.85 7.43 -9.35
CA VAL A 95 -5.98 6.24 -8.54
C VAL A 95 -5.81 6.61 -7.08
N GLN A 96 -6.67 6.05 -6.23
CA GLN A 96 -6.45 6.07 -4.79
C GLN A 96 -6.09 4.67 -4.32
N ILE A 97 -4.97 4.55 -3.63
CA ILE A 97 -4.59 3.31 -2.98
C ILE A 97 -4.90 3.52 -1.49
N ALA A 98 -5.95 2.85 -1.01
CA ALA A 98 -6.45 3.01 0.33
C ALA A 98 -5.96 1.85 1.19
N ILE A 99 -5.04 2.14 2.10
CA ILE A 99 -4.41 1.11 2.92
C ILE A 99 -5.02 1.16 4.31
N SER A 100 -5.77 0.13 4.66
CA SER A 100 -6.40 0.06 5.98
C SER A 100 -6.65 -1.40 6.27
N TYR A 101 -6.00 -1.92 7.31
CA TYR A 101 -6.20 -3.32 7.65
C TYR A 101 -7.66 -3.60 7.99
N SER A 102 -8.25 -2.78 8.86
CA SER A 102 -9.65 -2.98 9.25
C SER A 102 -10.60 -2.64 8.12
N GLY A 103 -10.24 -1.68 7.27
CA GLY A 103 -11.17 -1.20 6.27
C GLY A 103 -12.34 -0.44 6.82
N SER A 104 -12.28 -0.05 8.10
CA SER A 104 -13.45 0.58 8.79
C SER A 104 -13.11 1.88 9.50
N LYS A 105 -11.92 2.43 9.26
CA LYS A 105 -11.60 3.76 9.82
C LYS A 105 -12.42 4.79 9.06
N LYS A 106 -13.16 5.62 9.81
CA LYS A 106 -14.09 6.53 9.19
C LYS A 106 -13.40 7.44 8.18
N GLU A 107 -12.21 7.92 8.51
CA GLU A 107 -11.51 8.87 7.65
C GLU A 107 -11.15 8.24 6.31
N ILE A 108 -10.71 6.99 6.35
CA ILE A 108 -10.30 6.28 5.14
C ILE A 108 -11.51 5.91 4.29
N VAL A 109 -12.60 5.47 4.94
CA VAL A 109 -13.82 5.17 4.23
C VAL A 109 -14.35 6.42 3.53
N LEU A 110 -14.34 7.55 4.25
CA LEU A 110 -14.81 8.81 3.68
C LEU A 110 -13.97 9.22 2.47
N CYS A 111 -12.66 9.07 2.55
CA CYS A 111 -11.82 9.43 1.41
C CYS A 111 -12.09 8.53 0.21
N ALA A 112 -12.34 7.23 0.46
CA ALA A 112 -12.64 6.30 -0.62
C ALA A 112 -13.97 6.65 -1.27
N GLU A 113 -14.97 7.00 -0.45
CA GLU A 113 -16.25 7.42 -1.00
C GLU A 113 -16.09 8.67 -1.86
N ALA A 114 -15.31 9.64 -1.39
CA ALA A 114 -15.13 10.87 -2.14
C ALA A 114 -14.37 10.63 -3.43
N ALA A 115 -13.34 9.78 -3.39
CA ALA A 115 -12.58 9.50 -4.60
C ALA A 115 -13.45 8.82 -5.65
N ARG A 116 -14.24 7.83 -5.23
CA ARG A 116 -15.10 7.11 -6.15
C ARG A 116 -16.12 8.05 -6.78
N LYS A 117 -16.70 8.95 -5.97
CA LYS A 117 -17.68 9.90 -6.46
C LYS A 117 -17.11 10.80 -7.55
N GLN A 118 -15.84 11.16 -7.46
CA GLN A 118 -15.19 11.97 -8.47
C GLN A 118 -14.77 11.18 -9.70
N GLY A 119 -15.01 9.87 -9.72
CA GLY A 119 -14.65 9.05 -10.86
C GLY A 119 -13.28 8.41 -10.78
N ALA A 120 -12.56 8.58 -9.68
CA ALA A 120 -11.25 7.96 -9.56
C ALA A 120 -11.40 6.46 -9.26
N THR A 121 -10.31 5.73 -9.50
CA THR A 121 -10.26 4.30 -9.24
C THR A 121 -9.71 4.06 -7.84
N VAL A 122 -10.43 3.28 -7.03
CA VAL A 122 -10.05 2.99 -5.65
C VAL A 122 -9.55 1.55 -5.57
N ILE A 123 -8.34 1.39 -5.08
CA ILE A 123 -7.71 0.09 -4.85
C ILE A 123 -7.49 -0.01 -3.35
N ALA A 124 -8.17 -0.96 -2.72
CA ALA A 124 -8.04 -1.16 -1.28
C ALA A 124 -7.02 -2.25 -0.99
N ILE A 125 -6.24 -2.04 0.08
CA ILE A 125 -5.29 -3.02 0.60
C ILE A 125 -5.71 -3.24 2.04
N THR A 126 -6.32 -4.38 2.32
CA THR A 126 -7.11 -4.53 3.55
C THR A 126 -7.18 -6.00 3.93
N SER A 127 -7.58 -6.23 5.19
CA SER A 127 -7.74 -7.58 5.73
C SER A 127 -8.83 -8.34 4.99
N LEU A 128 -8.79 -9.67 5.15
CA LEU A 128 -9.79 -10.55 4.53
C LEU A 128 -11.04 -10.57 5.39
N THR A 129 -11.76 -9.44 5.35
CA THR A 129 -13.01 -9.20 6.07
C THR A 129 -13.93 -8.33 5.22
N ASP A 130 -15.22 -8.36 5.52
CA ASP A 130 -16.26 -7.59 4.78
C ASP A 130 -16.42 -6.21 5.41
N SER A 131 -15.66 -5.26 4.89
CA SER A 131 -15.61 -3.91 5.46
C SER A 131 -16.25 -2.85 4.55
N PRO A 132 -16.56 -1.66 5.08
CA PRO A 132 -17.02 -0.58 4.18
C PRO A 132 -16.02 -0.25 3.08
N LEU A 133 -14.72 -0.30 3.40
CA LEU A 133 -13.74 0.00 2.36
C LEU A 133 -13.75 -1.04 1.25
N ARG A 134 -13.84 -2.33 1.62
CA ARG A 134 -13.88 -3.36 0.59
C ARG A 134 -15.12 -3.20 -0.29
N ARG A 135 -16.22 -2.73 0.28
CA ARG A 135 -17.43 -2.53 -0.51
C ARG A 135 -17.32 -1.32 -1.45
N LEU A 136 -16.47 -0.34 -1.11
CA LEU A 136 -16.30 0.84 -1.95
C LEU A 136 -15.25 0.67 -3.03
N ALA A 137 -14.29 -0.21 -2.81
CA ALA A 137 -13.15 -0.30 -3.74
C ALA A 137 -13.50 -0.96 -5.08
N HIS A 138 -12.87 -0.48 -6.13
CA HIS A 138 -13.00 -1.17 -7.41
C HIS A 138 -12.20 -2.48 -7.42
N PHE A 139 -11.08 -2.50 -6.71
CA PHE A 139 -10.23 -3.67 -6.60
C PHE A 139 -9.75 -3.74 -5.16
N THR A 140 -9.72 -4.95 -4.64
CA THR A 140 -9.15 -5.17 -3.29
C THR A 140 -8.05 -6.22 -3.33
N LEU A 141 -6.95 -5.90 -2.72
CA LEU A 141 -5.79 -6.81 -2.48
C LEU A 141 -5.81 -7.12 -0.98
N ASP A 142 -5.73 -8.38 -0.66
CA ASP A 142 -5.91 -8.86 0.71
C ASP A 142 -4.59 -8.94 1.45
N THR A 143 -4.60 -8.54 2.71
CA THR A 143 -3.43 -8.65 3.58
C THR A 143 -3.84 -9.42 4.81
N VAL A 144 -3.17 -10.54 5.07
CA VAL A 144 -3.52 -11.43 6.17
C VAL A 144 -2.33 -11.50 7.12
N SER A 145 -2.56 -11.13 8.38
CA SER A 145 -1.50 -11.16 9.36
C SER A 145 -1.28 -12.57 9.91
N GLY A 146 -2.24 -13.46 9.74
CA GLY A 146 -2.24 -14.72 10.45
C GLY A 146 -2.68 -14.54 11.89
N GLU A 147 -2.66 -15.64 12.63
CA GLU A 147 -2.98 -15.62 14.06
C GLU A 147 -1.77 -15.14 14.82
N THR A 148 -1.82 -13.92 15.33
CA THR A 148 -0.67 -13.27 15.91
C THR A 148 -0.80 -13.20 17.43
N GLU A 149 0.35 -13.14 18.09
CA GLU A 149 0.42 -12.82 19.50
C GLU A 149 0.19 -11.33 19.71
N TRP A 150 -0.41 -10.98 20.85
CA TRP A 150 -0.85 -9.60 21.04
C TRP A 150 0.30 -8.60 20.95
N ARG A 151 1.49 -8.97 21.44
CA ARG A 151 2.58 -8.00 21.42
C ARG A 151 3.07 -7.68 20.02
N SER A 152 2.85 -8.58 19.06
CA SER A 152 3.39 -8.41 17.72
C SER A 152 2.33 -8.30 16.62
N SER A 153 1.05 -8.20 16.97
CA SER A 153 0.00 -8.14 15.95
C SER A 153 0.25 -7.02 14.95
N SER A 154 0.63 -5.84 15.41
CA SER A 154 0.80 -4.76 14.44
C SER A 154 1.99 -4.98 13.53
N MET A 155 3.04 -5.64 14.04
CA MET A 155 4.27 -5.83 13.24
C MET A 155 4.02 -6.88 12.13
N SER A 156 3.34 -7.96 12.46
CA SER A 156 3.03 -8.95 11.45
C SER A 156 2.03 -8.42 10.43
N THR A 157 1.07 -7.61 10.88
CA THR A 157 0.16 -6.93 9.95
C THR A 157 0.94 -6.09 8.96
N ARG A 158 1.86 -5.26 9.47
CA ARG A 158 2.68 -4.41 8.60
C ARG A 158 3.50 -5.25 7.63
N THR A 159 4.04 -6.38 8.08
CA THR A 159 4.79 -7.26 7.18
C THR A 159 3.92 -7.71 6.02
N ALA A 160 2.69 -8.14 6.32
CA ALA A 160 1.75 -8.56 5.28
C ALA A 160 1.42 -7.40 4.34
N GLN A 161 1.16 -6.22 4.87
CA GLN A 161 0.84 -5.08 4.02
C GLN A 161 2.00 -4.75 3.09
N ASN A 162 3.22 -4.71 3.63
CA ASN A 162 4.37 -4.41 2.80
C ASN A 162 4.57 -5.46 1.72
N SER A 163 4.19 -6.70 1.97
CA SER A 163 4.36 -7.72 0.93
C SER A 163 3.54 -7.38 -0.31
N VAL A 164 2.37 -6.75 -0.13
CA VAL A 164 1.55 -6.36 -1.26
C VAL A 164 2.09 -5.11 -1.95
N THR A 165 2.41 -4.07 -1.17
CA THR A 165 2.88 -2.85 -1.78
C THR A 165 4.22 -3.07 -2.48
N ASP A 166 5.08 -3.92 -1.91
CA ASP A 166 6.38 -4.19 -2.53
C ASP A 166 6.19 -4.83 -3.90
N LEU A 167 5.23 -5.73 -4.02
CA LEU A 167 4.95 -6.38 -5.29
C LEU A 167 4.42 -5.37 -6.30
N LEU A 168 3.56 -4.45 -5.86
CA LEU A 168 3.11 -3.38 -6.75
C LEU A 168 4.30 -2.60 -7.29
N PHE A 169 5.25 -2.24 -6.41
CA PHE A 169 6.41 -1.48 -6.85
C PHE A 169 7.21 -2.23 -7.91
N VAL A 170 7.54 -3.49 -7.65
CA VAL A 170 8.34 -4.23 -8.63
C VAL A 170 7.59 -4.35 -9.93
N GLY A 171 6.28 -4.60 -9.88
CA GLY A 171 5.50 -4.67 -11.11
C GLY A 171 5.53 -3.37 -11.89
N LEU A 172 5.55 -2.24 -11.18
CA LEU A 172 5.61 -0.96 -11.87
C LEU A 172 6.98 -0.72 -12.50
N VAL A 173 8.04 -1.12 -11.80
CA VAL A 173 9.38 -1.04 -12.41
C VAL A 173 9.41 -1.82 -13.71
N GLN A 174 8.80 -3.02 -13.72
CA GLN A 174 8.81 -3.87 -14.92
C GLN A 174 8.21 -3.15 -16.11
N LEU A 175 7.17 -2.36 -15.90
CA LEU A 175 6.47 -1.74 -17.03
C LEU A 175 7.23 -0.58 -17.63
N ASN A 176 8.20 0.00 -16.90
CA ASN A 176 8.95 1.14 -17.40
C ASN A 176 10.38 1.02 -16.88
N ASP A 177 11.10 0.00 -17.36
CA ASP A 177 12.37 -0.36 -16.74
C ASP A 177 13.45 0.67 -17.03
N VAL A 178 13.55 1.16 -18.26
CA VAL A 178 14.61 2.09 -18.62
C VAL A 178 14.46 3.39 -17.85
N GLU A 179 13.27 3.98 -17.87
CA GLU A 179 13.05 5.22 -17.13
C GLU A 179 13.26 5.03 -15.65
N SER A 180 12.78 3.90 -15.09
CA SER A 180 13.03 3.63 -13.67
C SER A 180 14.52 3.60 -13.36
N LEU A 181 15.30 2.91 -14.19
CA LEU A 181 16.74 2.86 -13.96
C LEU A 181 17.38 4.25 -14.06
N LYS A 182 16.96 5.04 -15.04
CA LYS A 182 17.53 6.38 -15.19
C LYS A 182 17.25 7.23 -13.97
N MET A 183 16.03 7.10 -13.43
CA MET A 183 15.64 7.93 -12.30
C MET A 183 16.31 7.46 -11.03
N ILE A 184 16.50 6.15 -10.87
CA ILE A 184 17.25 5.65 -9.73
C ILE A 184 18.68 6.18 -9.78
N GLN A 185 19.30 6.16 -10.96
CA GLN A 185 20.67 6.66 -11.07
C GLN A 185 20.76 8.14 -10.75
N ARG A 186 19.85 8.95 -11.30
CA ARG A 186 19.89 10.39 -11.03
C ARG A 186 19.68 10.66 -9.55
N SER A 187 18.77 9.90 -8.94
CA SER A 187 18.48 10.07 -7.51
C SER A 187 19.70 9.73 -6.66
N SER A 188 20.36 8.61 -6.98
CA SER A 188 21.57 8.22 -6.25
C SER A 188 22.67 9.26 -6.39
N GLU A 189 22.88 9.77 -7.61
CA GLU A 189 23.90 10.77 -7.82
C GLU A 189 23.64 12.02 -6.99
N LEU A 190 22.38 12.45 -6.93
CA LEU A 190 22.06 13.66 -6.19
C LEU A 190 22.28 13.45 -4.69
N THR A 191 21.74 12.36 -4.13
CA THR A 191 21.86 12.19 -2.69
C THR A 191 23.30 11.93 -2.28
N GLN A 192 24.11 11.34 -3.16
CA GLN A 192 25.52 11.17 -2.83
C GLN A 192 26.22 12.52 -2.72
N ARG A 193 25.69 13.55 -3.37
CA ARG A 193 26.28 14.87 -3.22
C ARG A 193 26.04 15.47 -1.84
N LEU A 194 25.15 14.90 -1.04
CA LEU A 194 24.91 15.36 0.33
C LEU A 194 25.77 14.64 1.34
N LYS A 195 26.71 13.80 0.88
CA LYS A 195 27.53 13.02 1.83
C LYS A 195 28.55 13.91 2.56
#